data_3Q1M
#
_entry.id   3Q1M
#
_cell.length_a   106.525
_cell.length_b   106.525
_cell.length_c   146.469
_cell.angle_alpha   90.00
_cell.angle_beta   90.00
_cell.angle_gamma   90.00
#
_symmetry.space_group_name_H-M   'P 43 2 2'
#
loop_
_entity.id
_entity.type
_entity.pdbx_description
1 polymer 'Multidrug-efflux transporter 1 regulator'
2 polymer '23 bp promoter DNA'
3 non-polymer 2-methylquinolin-4-amine
4 water water
#
loop_
_entity_poly.entity_id
_entity_poly.type
_entity_poly.pdbx_seq_one_letter_code
_entity_poly.pdbx_strand_id
1 'polypeptide(L)'
;MKESYYSIGEVSKLANVSIKALRYYDKIDLFKPAYVDPDTSYRYYTDSQLIHLDLIKSLKYIGTPLEEMKKAQDLEMEEL
FAFYTEQERQIREKLDFLSALEQTISLVKKRMKRQMEYPALGEVFVLDEEEIRIIQTEAEGLGPENVLNASYSKLKKFIE
SADGFTNNSYGATFSFQPYTSIDEMTYRHIFTPVLTNKQISSITPDMEITTIPKGRYACIAYNFSPEHYFLNLQKLIKYI
ADRQLTVVSDVYELIIPIHYSPKKQEEYRVEMKIRILDHHHHHH
;
A
2 'polydeoxyribonucleotide'
;(DG)(DA)(DC)(DC)(DC)(DT)(DC)(DC)(DC)(DC)(DT)(DT)(DA)(DG)(DG)(DG)(DG)(DA)(DG)(DG)
(DG)(DT)(DC)
;
B
#
# COMPACT_ATOMS: atom_id res chain seq x y z
N LYS A 2 29.39 40.54 -20.62
CA LYS A 2 30.67 41.33 -20.68
C LYS A 2 30.41 42.76 -21.16
N GLU A 3 30.60 43.73 -20.26
CA GLU A 3 30.45 45.16 -20.56
C GLU A 3 29.01 45.63 -20.75
N SER A 4 28.06 44.86 -20.23
CA SER A 4 26.63 45.19 -20.30
C SER A 4 25.94 44.20 -19.38
N TYR A 5 24.76 44.54 -18.86
CA TYR A 5 24.00 43.57 -18.07
C TYR A 5 22.94 42.79 -18.88
N TYR A 6 22.50 41.67 -18.32
CA TYR A 6 21.30 40.99 -18.83
C TYR A 6 20.04 41.33 -18.03
N SER A 7 18.97 41.69 -18.75
CA SER A 7 17.64 41.82 -18.18
C SER A 7 17.10 40.45 -17.84
N ILE A 8 16.10 40.40 -16.98
CA ILE A 8 15.63 39.10 -16.52
C ILE A 8 15.07 38.27 -17.69
N GLY A 9 14.36 38.94 -18.59
CA GLY A 9 13.92 38.30 -19.82
C GLY A 9 15.06 37.59 -20.50
N GLU A 10 16.06 38.38 -20.86
CA GLU A 10 17.30 37.90 -21.46
C GLU A 10 17.82 36.66 -20.74
N VAL A 11 17.94 36.72 -19.42
CA VAL A 11 18.50 35.59 -18.69
C VAL A 11 17.59 34.38 -18.82
N SER A 12 16.33 34.61 -18.46
CA SER A 12 15.28 33.60 -18.50
C SER A 12 15.35 32.80 -19.78
N LYS A 13 15.38 33.51 -20.91
CA LYS A 13 15.36 32.90 -22.21
C LYS A 13 16.56 32.00 -22.39
N LEU A 14 17.74 32.54 -22.16
CA LEU A 14 18.90 31.78 -22.56
C LEU A 14 19.29 30.78 -21.50
N ALA A 15 18.85 31.02 -20.27
CA ALA A 15 19.13 30.07 -19.19
C ALA A 15 17.98 29.07 -19.05
N ASN A 16 16.92 29.29 -19.81
CA ASN A 16 15.76 28.44 -19.76
C ASN A 16 15.16 28.30 -18.36
N VAL A 17 14.84 29.44 -17.75
CA VAL A 17 14.32 29.45 -16.40
C VAL A 17 13.28 30.57 -16.32
N SER A 18 12.20 30.31 -15.59
CA SER A 18 11.10 31.26 -15.51
C SER A 18 11.53 32.60 -14.95
N ILE A 19 11.00 33.68 -15.51
CA ILE A 19 11.17 34.99 -14.90
C ILE A 19 10.70 34.98 -13.44
N LYS A 20 9.50 34.46 -13.22
CA LYS A 20 8.97 34.34 -11.86
C LYS A 20 9.92 33.48 -11.03
N ALA A 21 10.52 32.48 -11.67
CA ALA A 21 11.45 31.61 -10.97
C ALA A 21 12.57 32.46 -10.41
N LEU A 22 13.17 33.25 -11.29
CA LEU A 22 14.34 34.08 -10.95
C LEU A 22 14.02 35.02 -9.83
N ARG A 23 12.93 35.77 -10.01
CA ARG A 23 12.48 36.67 -8.97
C ARG A 23 12.43 35.98 -7.63
N TYR A 24 11.95 34.73 -7.59
CA TYR A 24 11.89 34.00 -6.33
C TYR A 24 13.29 33.78 -5.76
N TYR A 25 14.22 33.37 -6.62
CA TYR A 25 15.59 33.09 -6.21
C TYR A 25 16.29 34.33 -5.66
N ASP A 26 16.05 35.48 -6.31
CA ASP A 26 16.33 36.78 -5.73
C ASP A 26 15.75 36.89 -4.32
N LYS A 27 14.44 36.64 -4.18
CA LYS A 27 13.75 36.79 -2.90
C LYS A 27 14.36 35.98 -1.77
N ILE A 28 14.75 34.74 -2.06
CA ILE A 28 15.28 33.84 -1.02
C ILE A 28 16.79 33.99 -0.78
N ASP A 29 17.42 34.82 -1.59
CA ASP A 29 18.88 35.03 -1.51
C ASP A 29 19.59 33.75 -1.92
N LEU A 30 19.05 33.10 -2.95
CA LEU A 30 19.72 31.95 -3.58
C LEU A 30 20.49 32.41 -4.82
N PHE A 31 19.84 33.24 -5.62
CA PHE A 31 20.47 33.82 -6.79
C PHE A 31 20.00 35.27 -7.01
N LYS A 32 20.84 36.23 -6.64
CA LYS A 32 20.50 37.64 -6.81
C LYS A 32 21.10 38.24 -8.10
N PRO A 33 20.37 39.18 -8.73
CA PRO A 33 20.94 39.89 -9.87
C PRO A 33 22.15 40.71 -9.44
N ALA A 34 23.10 40.86 -10.37
CA ALA A 34 24.32 41.55 -10.05
C ALA A 34 23.95 42.93 -9.58
N TYR A 35 22.88 43.48 -10.14
CA TYR A 35 22.60 44.88 -9.94
C TYR A 35 21.12 45.19 -10.15
N VAL A 36 20.57 45.95 -9.20
CA VAL A 36 19.17 46.33 -9.22
C VAL A 36 19.17 47.84 -9.45
N ASP A 37 18.42 48.26 -10.47
CA ASP A 37 18.29 49.66 -10.80
C ASP A 37 17.42 50.29 -9.72
N PRO A 38 18.00 51.16 -8.88
CA PRO A 38 17.24 51.72 -7.77
C PRO A 38 16.15 52.70 -8.22
N ASP A 39 16.11 52.97 -9.52
CA ASP A 39 15.06 53.82 -10.10
C ASP A 39 13.84 53.01 -10.55
N THR A 40 14.10 51.93 -11.25
CA THR A 40 13.03 51.13 -11.88
C THR A 40 12.87 49.77 -11.21
N SER A 41 13.76 49.45 -10.26
CA SER A 41 13.73 48.16 -9.55
C SER A 41 13.96 47.01 -10.51
N TYR A 42 14.40 47.31 -11.72
CA TYR A 42 14.69 46.27 -12.70
C TYR A 42 15.82 45.39 -12.21
N ARG A 43 15.82 44.12 -12.64
CA ARG A 43 16.90 43.21 -12.28
C ARG A 43 17.85 43.02 -13.46
N TYR A 44 19.15 43.18 -13.19
CA TYR A 44 20.18 43.02 -14.19
C TYR A 44 21.25 42.07 -13.72
N TYR A 45 21.77 41.29 -14.68
CA TYR A 45 22.57 40.11 -14.40
C TYR A 45 23.84 40.10 -15.24
N THR A 46 24.97 39.73 -14.64
CA THR A 46 26.24 39.67 -15.38
C THR A 46 26.38 38.30 -16.00
N ASP A 47 27.11 38.23 -17.10
CA ASP A 47 27.36 36.95 -17.74
C ASP A 47 28.10 35.98 -16.83
N SER A 48 29.04 36.50 -16.04
CA SER A 48 29.77 35.69 -15.06
C SER A 48 28.84 34.78 -14.29
N GLN A 49 27.83 35.37 -13.65
CA GLN A 49 27.06 34.67 -12.63
C GLN A 49 26.20 33.57 -13.20
N LEU A 50 25.89 33.66 -14.49
CA LEU A 50 25.13 32.60 -15.14
C LEU A 50 25.54 31.20 -14.72
N ILE A 51 26.84 31.01 -14.51
CA ILE A 51 27.44 29.76 -14.05
C ILE A 51 26.80 29.20 -12.78
N HIS A 52 26.38 30.08 -11.89
CA HIS A 52 25.74 29.64 -10.66
C HIS A 52 24.48 28.82 -10.92
N LEU A 53 23.80 29.11 -12.03
CA LEU A 53 22.60 28.40 -12.40
C LEU A 53 22.84 26.96 -12.77
N ASP A 54 23.98 26.64 -13.36
CA ASP A 54 24.27 25.25 -13.64
C ASP A 54 23.95 24.41 -12.44
N LEU A 55 24.48 24.77 -11.28
CA LEU A 55 24.15 24.02 -10.08
C LEU A 55 22.67 24.13 -9.73
N ILE A 56 22.20 25.34 -9.52
CA ILE A 56 20.80 25.53 -9.18
C ILE A 56 19.85 24.75 -10.07
N LYS A 57 20.09 24.79 -11.38
CA LYS A 57 19.39 23.91 -12.28
C LYS A 57 19.56 22.42 -11.96
N SER A 58 20.80 21.91 -12.00
CA SER A 58 21.00 20.52 -11.71
C SER A 58 20.35 20.12 -10.40
N LEU A 59 20.62 20.88 -9.34
CA LEU A 59 20.16 20.50 -8.01
C LEU A 59 18.65 20.39 -8.00
N LYS A 60 18.04 21.31 -8.75
CA LYS A 60 16.60 21.31 -8.92
C LYS A 60 16.17 19.99 -9.53
N TYR A 61 16.71 19.68 -10.71
CA TYR A 61 16.34 18.47 -11.42
C TYR A 61 16.41 17.20 -10.60
N ILE A 62 17.27 17.14 -9.60
CA ILE A 62 17.24 15.99 -8.70
C ILE A 62 16.34 16.29 -7.51
N GLY A 63 15.77 17.49 -7.49
CA GLY A 63 14.78 17.86 -6.48
C GLY A 63 15.33 17.95 -5.08
N THR A 64 16.45 18.64 -4.93
CA THR A 64 16.85 19.07 -3.59
C THR A 64 16.11 20.36 -3.33
N PRO A 65 15.72 20.59 -2.07
CA PRO A 65 15.12 21.84 -1.65
C PRO A 65 16.03 23.03 -1.90
N LEU A 66 15.44 24.21 -1.90
CA LEU A 66 16.17 25.44 -2.17
C LEU A 66 16.98 25.88 -0.97
N GLU A 67 16.37 25.82 0.21
CA GLU A 67 17.13 26.11 1.40
C GLU A 67 18.34 25.18 1.44
N GLU A 68 18.20 23.97 0.91
CA GLU A 68 19.32 23.02 0.87
C GLU A 68 20.37 23.42 -0.14
N MET A 69 19.92 23.92 -1.30
CA MET A 69 20.85 24.43 -2.31
C MET A 69 21.78 25.53 -1.75
N LYS A 70 21.25 26.43 -0.94
CA LYS A 70 22.08 27.46 -0.35
C LYS A 70 23.28 26.87 0.39
N LYS A 71 23.04 25.83 1.19
CA LYS A 71 24.13 25.18 1.90
C LYS A 71 25.05 24.46 0.92
N ALA A 72 24.54 24.17 -0.26
CA ALA A 72 25.31 23.37 -1.21
C ALA A 72 26.36 24.22 -1.93
N GLN A 73 25.94 25.34 -2.49
CA GLN A 73 26.78 26.09 -3.43
C GLN A 73 28.11 26.52 -2.81
N ASP A 74 28.08 26.74 -1.51
CA ASP A 74 29.24 27.15 -0.74
C ASP A 74 30.36 26.15 -0.76
N LEU A 75 30.06 24.91 -0.35
CA LEU A 75 31.10 23.89 -0.26
C LEU A 75 31.78 23.65 -1.61
N GLU A 76 33.07 23.29 -1.53
CA GLU A 76 33.90 23.02 -2.71
C GLU A 76 33.91 21.54 -3.02
N MET A 77 34.55 21.19 -4.13
CA MET A 77 34.48 19.84 -4.64
C MET A 77 34.71 18.72 -3.64
N GLU A 78 35.75 18.82 -2.82
CA GLU A 78 36.02 17.74 -1.87
C GLU A 78 34.69 17.24 -1.29
N GLU A 79 33.83 18.19 -0.93
CA GLU A 79 32.63 17.91 -0.16
C GLU A 79 31.45 17.67 -1.09
N LEU A 80 31.42 18.42 -2.18
CA LEU A 80 30.34 18.36 -3.16
C LEU A 80 30.13 16.95 -3.61
N PHE A 81 31.22 16.24 -3.83
CA PHE A 81 31.19 14.81 -4.05
C PHE A 81 30.35 14.09 -3.01
N ALA A 82 30.73 14.24 -1.74
CA ALA A 82 30.05 13.54 -0.65
C ALA A 82 28.55 13.83 -0.68
N PHE A 83 28.22 15.12 -0.80
CA PHE A 83 26.84 15.56 -0.92
C PHE A 83 26.09 14.77 -1.97
N TYR A 84 26.65 14.69 -3.17
CA TYR A 84 26.06 13.90 -4.22
C TYR A 84 25.90 12.46 -3.74
N THR A 85 26.95 11.91 -3.17
CA THR A 85 26.90 10.56 -2.64
C THR A 85 25.75 10.43 -1.65
N GLU A 86 25.41 11.54 -1.00
CA GLU A 86 24.24 11.59 -0.16
C GLU A 86 22.98 11.37 -0.97
N GLN A 87 22.75 12.26 -1.93
CA GLN A 87 21.62 12.13 -2.83
C GLN A 87 21.56 10.72 -3.41
N GLU A 88 22.71 10.20 -3.79
CA GLU A 88 22.78 8.91 -4.44
C GLU A 88 22.07 7.82 -3.65
N ARG A 89 22.32 7.81 -2.34
CA ARG A 89 21.74 6.86 -1.42
C ARG A 89 20.26 7.14 -1.22
N GLN A 90 19.93 8.42 -1.15
CA GLN A 90 18.55 8.90 -0.98
C GLN A 90 17.67 8.43 -2.13
N ILE A 91 18.14 8.63 -3.35
CA ILE A 91 17.54 8.03 -4.53
C ILE A 91 17.36 6.51 -4.37
N ARG A 92 18.46 5.77 -4.16
CA ARG A 92 18.39 4.31 -4.10
C ARG A 92 17.32 3.82 -3.14
N GLU A 93 16.97 4.65 -2.17
CA GLU A 93 15.92 4.28 -1.24
C GLU A 93 14.53 4.65 -1.75
N LYS A 94 14.35 5.90 -2.19
CA LYS A 94 13.11 6.32 -2.87
C LYS A 94 12.83 5.29 -3.95
N LEU A 95 13.90 4.65 -4.43
CA LEU A 95 13.84 3.65 -5.48
C LEU A 95 13.52 2.25 -4.94
N ASP A 96 14.11 1.88 -3.81
CA ASP A 96 13.71 0.65 -3.12
C ASP A 96 12.22 0.68 -2.70
N PHE A 97 11.70 1.89 -2.47
CA PHE A 97 10.33 2.08 -1.99
C PHE A 97 9.32 1.83 -3.08
N LEU A 98 9.63 2.33 -4.27
CA LEU A 98 8.77 2.14 -5.41
C LEU A 98 8.83 0.68 -5.80
N SER A 99 10.04 0.14 -5.86
CA SER A 99 10.20 -1.23 -6.31
C SER A 99 9.35 -2.17 -5.47
N ALA A 100 9.18 -1.81 -4.20
CA ALA A 100 8.24 -2.49 -3.31
C ALA A 100 6.83 -2.36 -3.88
N LEU A 101 6.39 -1.13 -4.11
CA LEU A 101 5.01 -0.86 -4.52
C LEU A 101 4.60 -1.67 -5.74
N GLU A 102 5.36 -1.50 -6.82
CA GLU A 102 5.12 -2.26 -8.03
C GLU A 102 4.80 -3.72 -7.67
N GLN A 103 5.61 -4.34 -6.82
CA GLN A 103 5.33 -5.71 -6.39
C GLN A 103 3.99 -5.79 -5.66
N THR A 104 3.81 -4.94 -4.66
CA THR A 104 2.60 -4.98 -3.83
C THR A 104 1.36 -4.85 -4.69
N ILE A 105 1.25 -3.74 -5.42
CA ILE A 105 0.12 -3.54 -6.30
C ILE A 105 -0.06 -4.74 -7.19
N SER A 106 1.03 -5.20 -7.79
CA SER A 106 0.98 -6.28 -8.76
C SER A 106 0.36 -7.55 -8.19
N LEU A 107 0.61 -7.81 -6.91
CA LEU A 107 0.00 -8.94 -6.22
C LEU A 107 -1.41 -8.58 -5.79
N VAL A 108 -1.59 -7.37 -5.24
CA VAL A 108 -2.94 -6.99 -4.83
C VAL A 108 -3.91 -7.17 -5.99
N LYS A 109 -3.47 -6.77 -7.19
CA LYS A 109 -4.24 -6.99 -8.41
C LYS A 109 -4.52 -8.45 -8.64
N LYS A 110 -3.48 -9.27 -8.65
CA LYS A 110 -3.62 -10.73 -8.83
C LYS A 110 -4.81 -11.24 -8.04
N ARG A 111 -5.09 -10.59 -6.90
CA ARG A 111 -6.09 -11.10 -5.99
C ARG A 111 -7.51 -10.59 -6.23
N MET A 112 -7.63 -9.44 -6.86
CA MET A 112 -8.94 -8.95 -7.29
C MET A 112 -9.48 -9.78 -8.46
N LYS A 113 -8.60 -10.06 -9.42
CA LYS A 113 -8.93 -10.92 -10.56
C LYS A 113 -9.54 -12.23 -10.05
N ARG A 114 -8.91 -12.87 -9.09
CA ARG A 114 -9.51 -14.06 -8.51
C ARG A 114 -10.96 -13.81 -8.12
N GLN A 115 -11.20 -12.68 -7.48
CA GLN A 115 -12.56 -12.39 -6.99
C GLN A 115 -13.53 -12.33 -8.15
N MET A 116 -13.21 -11.53 -9.16
CA MET A 116 -14.09 -11.29 -10.27
C MET A 116 -14.28 -12.54 -11.16
N GLU A 117 -13.19 -13.02 -11.75
CA GLU A 117 -13.27 -14.21 -12.52
C GLU A 117 -13.38 -15.42 -11.58
N TYR A 118 -14.61 -15.82 -11.31
CA TYR A 118 -14.87 -16.81 -10.30
C TYR A 118 -16.06 -17.60 -10.79
N PRO A 119 -15.96 -18.94 -10.78
CA PRO A 119 -16.86 -19.84 -11.51
C PRO A 119 -18.34 -19.52 -11.37
N ALA A 120 -18.87 -19.56 -10.15
CA ALA A 120 -20.25 -19.10 -9.92
C ALA A 120 -20.60 -19.00 -8.45
N LEU A 121 -21.61 -18.18 -8.15
CA LEU A 121 -21.96 -17.85 -6.79
C LEU A 121 -22.96 -18.83 -6.20
N GLY A 122 -22.91 -18.99 -4.88
CA GLY A 122 -23.92 -19.77 -4.19
C GLY A 122 -23.77 -21.26 -4.37
N GLU A 123 -23.13 -21.68 -5.46
CA GLU A 123 -22.77 -23.09 -5.64
C GLU A 123 -21.46 -23.44 -4.91
N VAL A 124 -21.19 -24.73 -4.77
CA VAL A 124 -19.96 -25.18 -4.12
C VAL A 124 -18.96 -25.66 -5.16
N PHE A 125 -18.01 -24.79 -5.50
CA PHE A 125 -16.86 -25.15 -6.31
C PHE A 125 -15.84 -25.91 -5.45
N VAL A 126 -15.13 -26.85 -6.06
CA VAL A 126 -13.98 -27.48 -5.44
C VAL A 126 -12.74 -27.22 -6.26
N LEU A 127 -11.69 -26.67 -5.66
CA LEU A 127 -10.52 -26.26 -6.43
C LEU A 127 -9.17 -26.34 -5.71
N ASP A 128 -8.12 -26.08 -6.48
CA ASP A 128 -6.76 -26.18 -6.00
C ASP A 128 -6.22 -24.80 -5.83
N GLU A 129 -5.64 -24.57 -4.66
CA GLU A 129 -5.27 -23.24 -4.24
C GLU A 129 -3.78 -23.16 -3.89
N GLU A 130 -3.17 -22.05 -4.28
CA GLU A 130 -1.87 -21.69 -3.78
C GLU A 130 -2.01 -21.23 -2.33
N GLU A 131 -0.89 -21.30 -1.61
CA GLU A 131 -0.86 -20.98 -0.20
C GLU A 131 -1.09 -19.49 -0.01
N ILE A 132 -1.61 -19.09 1.14
CA ILE A 132 -1.80 -17.67 1.42
C ILE A 132 -1.24 -17.33 2.79
N ARG A 133 -0.27 -16.43 2.83
CA ARG A 133 0.33 -16.05 4.10
C ARG A 133 -0.60 -15.11 4.86
N ILE A 134 -0.64 -15.28 6.17
CA ILE A 134 -1.58 -14.54 6.97
C ILE A 134 -1.05 -14.27 8.38
N ILE A 135 -1.63 -13.28 9.05
CA ILE A 135 -1.39 -13.06 10.48
C ILE A 135 -2.65 -13.39 11.27
N GLN A 136 -2.50 -14.20 12.29
CA GLN A 136 -3.63 -14.75 12.98
C GLN A 136 -3.69 -14.19 14.39
N THR A 137 -4.72 -14.54 15.13
CA THR A 137 -4.79 -14.18 16.54
C THR A 137 -5.97 -14.91 17.20
N GLU A 138 -5.90 -15.11 18.52
CA GLU A 138 -6.88 -15.97 19.17
C GLU A 138 -8.19 -15.18 19.17
N ALA A 139 -9.27 -15.84 18.75
CA ALA A 139 -10.56 -15.20 18.56
C ALA A 139 -11.16 -14.71 19.88
N GLU A 140 -10.73 -15.31 20.98
CA GLU A 140 -11.22 -14.97 22.32
C GLU A 140 -12.73 -14.77 22.26
N GLY A 141 -13.40 -15.76 21.65
CA GLY A 141 -14.83 -15.96 21.80
C GLY A 141 -15.75 -15.10 20.94
N LEU A 142 -15.21 -14.52 19.89
CA LEU A 142 -16.03 -13.78 18.95
C LEU A 142 -16.79 -14.73 18.04
N GLY A 143 -17.97 -14.31 17.63
CA GLY A 143 -18.75 -15.03 16.62
C GLY A 143 -19.17 -14.11 15.49
N PRO A 144 -19.70 -14.69 14.39
CA PRO A 144 -20.20 -13.86 13.29
C PRO A 144 -21.23 -12.88 13.76
N GLU A 145 -21.83 -13.17 14.90
CA GLU A 145 -22.89 -12.32 15.41
C GLU A 145 -22.34 -11.01 15.98
N ASN A 146 -21.22 -11.11 16.70
CA ASN A 146 -20.68 -9.94 17.37
C ASN A 146 -19.32 -9.52 16.86
N VAL A 147 -18.77 -10.27 15.89
CA VAL A 147 -17.53 -9.85 15.26
C VAL A 147 -17.73 -8.50 14.63
N LEU A 148 -16.62 -7.79 14.47
CA LEU A 148 -16.65 -6.36 14.41
C LEU A 148 -15.27 -5.96 13.91
N ASN A 149 -15.20 -5.08 12.92
CA ASN A 149 -13.94 -4.91 12.26
C ASN A 149 -12.93 -4.07 13.06
N ALA A 150 -13.42 -3.33 14.06
CA ALA A 150 -12.55 -2.85 15.12
C ALA A 150 -11.84 -4.04 15.75
N SER A 151 -12.42 -5.21 15.63
CA SER A 151 -11.77 -6.37 16.18
C SER A 151 -10.45 -6.67 15.45
N TYR A 152 -10.21 -5.97 14.36
CA TYR A 152 -9.07 -6.29 13.52
C TYR A 152 -7.91 -5.32 13.71
N SER A 153 -8.13 -4.29 14.51
CA SER A 153 -7.21 -3.14 14.55
C SER A 153 -5.74 -3.49 14.74
N LYS A 154 -5.43 -4.35 15.70
CA LYS A 154 -4.03 -4.66 15.96
C LYS A 154 -3.39 -5.34 14.75
N LEU A 155 -4.01 -6.39 14.22
CA LEU A 155 -3.49 -7.04 13.01
C LEU A 155 -3.24 -6.00 11.94
N LYS A 156 -4.19 -5.09 11.79
CA LYS A 156 -4.08 -4.05 10.77
C LYS A 156 -2.87 -3.15 11.02
N LYS A 157 -2.72 -2.70 12.26
CA LYS A 157 -1.52 -1.95 12.66
C LYS A 157 -0.25 -2.69 12.21
N PHE A 158 -0.20 -4.01 12.39
CA PHE A 158 0.97 -4.77 11.97
C PHE A 158 1.13 -4.92 10.49
N ILE A 159 0.05 -5.20 9.79
CA ILE A 159 0.12 -5.33 8.34
C ILE A 159 0.56 -4.01 7.73
N GLU A 160 -0.10 -2.92 8.14
CA GLU A 160 0.12 -1.63 7.48
C GLU A 160 1.55 -1.14 7.70
N SER A 161 2.13 -1.48 8.84
CA SER A 161 3.51 -1.16 9.09
C SER A 161 4.46 -1.91 8.16
N ALA A 162 4.07 -3.10 7.72
CA ALA A 162 4.91 -3.90 6.81
C ALA A 162 4.57 -3.72 5.32
N ASP A 163 3.29 -3.65 5.01
CA ASP A 163 2.83 -3.67 3.62
C ASP A 163 2.54 -2.26 3.16
N GLY A 164 2.16 -1.39 4.11
CA GLY A 164 1.78 -0.02 3.77
C GLY A 164 0.38 0.02 3.19
N PHE A 165 0.01 -1.08 2.52
CA PHE A 165 -1.37 -1.31 2.14
C PHE A 165 -2.10 -1.83 3.37
N THR A 166 -3.42 -1.73 3.37
CA THR A 166 -4.21 -2.45 4.35
C THR A 166 -4.74 -3.69 3.66
N ASN A 167 -4.99 -4.73 4.45
CA ASN A 167 -5.70 -5.92 3.99
C ASN A 167 -7.06 -5.52 3.44
N ASN A 168 -7.34 -5.98 2.24
CA ASN A 168 -8.60 -5.64 1.66
C ASN A 168 -9.46 -6.90 1.70
N SER A 169 -9.20 -7.73 2.73
CA SER A 169 -10.06 -8.84 3.13
C SER A 169 -9.83 -9.18 4.60
N TYR A 170 -10.90 -9.60 5.27
CA TYR A 170 -10.91 -9.93 6.69
C TYR A 170 -11.26 -11.39 6.81
N GLY A 171 -10.55 -12.12 7.66
CA GLY A 171 -10.74 -13.54 7.70
C GLY A 171 -11.04 -14.03 9.08
N ALA A 172 -11.77 -15.14 9.16
CA ALA A 172 -11.77 -15.93 10.39
C ALA A 172 -11.82 -17.40 10.06
N THR A 173 -11.59 -18.22 11.07
CA THR A 173 -11.73 -19.66 10.94
C THR A 173 -12.55 -20.18 12.10
N PHE A 174 -13.25 -21.29 11.88
CA PHE A 174 -13.99 -21.95 12.98
C PHE A 174 -14.07 -23.44 12.70
N SER A 175 -14.35 -24.24 13.73
CA SER A 175 -14.37 -25.69 13.55
C SER A 175 -15.52 -26.13 12.68
N PHE A 176 -15.22 -27.05 11.79
CA PHE A 176 -16.26 -27.68 10.96
C PHE A 176 -17.17 -28.62 11.77
N GLN A 177 -18.40 -28.17 12.05
CA GLN A 177 -19.39 -28.98 12.75
C GLN A 177 -20.69 -29.06 11.94
N PRO A 178 -21.58 -30.03 12.28
CA PRO A 178 -22.94 -29.92 11.78
C PRO A 178 -23.71 -28.91 12.63
N TYR A 179 -23.44 -27.63 12.39
CA TYR A 179 -24.06 -26.54 13.15
C TYR A 179 -25.52 -26.40 12.77
N THR A 180 -26.38 -26.39 13.77
CA THR A 180 -27.83 -26.38 13.54
C THR A 180 -28.37 -24.97 13.62
N SER A 181 -27.60 -24.08 14.27
CA SER A 181 -27.89 -22.66 14.33
C SER A 181 -26.64 -21.83 14.05
N ILE A 182 -26.78 -20.50 14.04
CA ILE A 182 -25.61 -19.64 13.89
C ILE A 182 -25.15 -19.28 15.28
N ASP A 183 -26.06 -19.21 16.23
CA ASP A 183 -25.65 -18.83 17.56
C ASP A 183 -24.81 -19.96 18.14
N GLU A 184 -24.92 -21.12 17.51
CA GLU A 184 -24.10 -22.26 17.86
C GLU A 184 -22.62 -22.02 17.62
N MET A 185 -22.29 -21.10 16.70
CA MET A 185 -20.89 -20.98 16.25
C MET A 185 -20.08 -19.81 16.79
N THR A 186 -18.82 -20.10 17.13
CA THR A 186 -17.84 -19.05 17.45
C THR A 186 -16.44 -19.35 16.86
N TYR A 187 -15.71 -18.27 16.52
CA TYR A 187 -14.51 -18.35 15.70
C TYR A 187 -13.35 -18.81 16.54
N ARG A 188 -12.35 -19.42 15.90
CA ARG A 188 -11.26 -20.04 16.65
C ARG A 188 -10.09 -19.10 16.86
N HIS A 189 -9.60 -18.62 15.73
CA HIS A 189 -8.48 -17.71 15.60
C HIS A 189 -8.73 -16.96 14.29
N ILE A 190 -8.65 -15.65 14.37
CA ILE A 190 -9.11 -14.73 13.28
C ILE A 190 -7.90 -14.03 12.65
N PHE A 191 -7.99 -13.59 11.40
CA PHE A 191 -6.76 -13.39 10.65
C PHE A 191 -6.88 -12.46 9.49
N THR A 192 -5.73 -11.99 9.00
CA THR A 192 -5.70 -11.18 7.78
C THR A 192 -4.46 -11.46 6.96
N PRO A 193 -4.62 -11.53 5.64
CA PRO A 193 -3.57 -11.83 4.67
C PRO A 193 -2.43 -10.81 4.66
N VAL A 194 -1.19 -11.29 4.57
CA VAL A 194 -0.04 -10.41 4.35
C VAL A 194 0.31 -10.44 2.87
N LEU A 195 1.00 -9.40 2.43
CA LEU A 195 1.44 -9.32 1.04
C LEU A 195 2.96 -9.18 0.94
N THR A 196 3.57 -8.65 1.99
CA THR A 196 4.96 -8.31 1.92
C THR A 196 5.78 -9.22 2.80
N ASN A 197 7.07 -9.28 2.50
CA ASN A 197 8.00 -10.12 3.20
C ASN A 197 8.90 -9.32 4.10
N LYS A 198 8.73 -8.00 4.08
CA LYS A 198 9.40 -7.15 5.04
C LYS A 198 8.96 -7.65 6.42
N GLN A 199 9.91 -7.84 7.33
CA GLN A 199 9.59 -8.21 8.73
C GLN A 199 8.48 -7.32 9.27
N ILE A 200 7.59 -7.90 10.07
CA ILE A 200 6.75 -7.08 10.93
C ILE A 200 7.65 -6.55 12.07
N SER A 201 7.66 -5.22 12.21
CA SER A 201 8.77 -4.54 12.89
C SER A 201 9.17 -5.23 14.19
N SER A 202 8.21 -5.37 15.10
CA SER A 202 8.44 -6.13 16.32
C SER A 202 7.10 -6.79 16.55
N ILE A 203 7.07 -8.09 16.29
CA ILE A 203 5.80 -8.81 16.35
C ILE A 203 5.60 -9.21 17.80
N THR A 204 4.40 -9.01 18.35
CA THR A 204 4.15 -9.53 19.69
C THR A 204 3.77 -10.99 19.63
N PRO A 205 3.91 -11.71 20.75
CA PRO A 205 3.76 -13.16 20.78
C PRO A 205 2.28 -13.60 20.73
N ASP A 206 1.42 -12.67 20.36
CA ASP A 206 0.02 -12.97 20.34
C ASP A 206 -0.54 -12.81 18.93
N MET A 207 0.31 -12.40 17.99
CA MET A 207 0.03 -12.61 16.57
C MET A 207 0.66 -13.92 16.23
N GLU A 208 0.27 -14.51 15.11
CA GLU A 208 0.94 -15.67 14.63
C GLU A 208 1.07 -15.52 13.15
N ILE A 209 2.30 -15.60 12.65
CA ILE A 209 2.48 -15.68 11.23
C ILE A 209 2.31 -17.12 10.91
N THR A 210 1.38 -17.38 9.99
CA THR A 210 1.09 -18.74 9.55
C THR A 210 0.23 -18.69 8.29
N THR A 211 0.00 -19.87 7.71
CA THR A 211 -0.57 -19.90 6.38
C THR A 211 -1.90 -20.65 6.16
N ILE A 212 -2.56 -20.32 5.07
CA ILE A 212 -3.58 -21.16 4.48
C ILE A 212 -2.87 -21.97 3.40
N PRO A 213 -2.69 -23.27 3.63
CA PRO A 213 -1.77 -24.11 2.83
C PRO A 213 -2.24 -24.48 1.42
N LYS A 214 -1.29 -24.67 0.50
CA LYS A 214 -1.59 -25.27 -0.82
C LYS A 214 -2.34 -26.58 -0.59
N GLY A 215 -3.42 -26.78 -1.34
CA GLY A 215 -4.26 -27.99 -1.18
C GLY A 215 -5.66 -27.86 -1.74
N ARG A 216 -6.44 -28.92 -1.62
CA ARG A 216 -7.74 -28.95 -2.28
C ARG A 216 -8.82 -28.36 -1.37
N TYR A 217 -9.58 -27.45 -1.94
CA TYR A 217 -10.55 -26.69 -1.18
C TYR A 217 -11.97 -26.76 -1.73
N ALA A 218 -12.87 -27.31 -0.91
CA ALA A 218 -14.28 -27.16 -1.15
C ALA A 218 -14.64 -25.77 -0.69
N CYS A 219 -15.01 -24.92 -1.61
CA CYS A 219 -15.36 -23.56 -1.24
C CYS A 219 -16.57 -23.01 -1.96
N ILE A 220 -17.34 -22.21 -1.24
CA ILE A 220 -18.53 -21.57 -1.75
C ILE A 220 -18.37 -20.06 -1.58
N ALA A 221 -18.85 -19.28 -2.54
CA ALA A 221 -18.69 -17.83 -2.46
C ALA A 221 -19.94 -17.06 -2.90
N TYR A 222 -20.28 -15.99 -2.16
CA TYR A 222 -21.52 -15.26 -2.38
C TYR A 222 -21.46 -13.86 -1.83
N ASN A 223 -22.42 -13.02 -2.21
CA ASN A 223 -22.51 -11.73 -1.54
C ASN A 223 -23.10 -11.90 -0.16
N PHE A 224 -22.80 -11.00 0.77
CA PHE A 224 -23.20 -11.22 2.14
C PHE A 224 -24.64 -10.82 2.39
N SER A 225 -25.31 -11.57 3.27
CA SER A 225 -26.53 -11.14 3.96
C SER A 225 -26.68 -12.00 5.21
N PRO A 226 -27.15 -11.42 6.31
CA PRO A 226 -27.12 -12.17 7.56
C PRO A 226 -27.62 -13.59 7.33
N GLU A 227 -28.66 -13.69 6.50
CA GLU A 227 -29.42 -14.92 6.28
C GLU A 227 -28.66 -15.94 5.43
N HIS A 228 -28.33 -15.54 4.21
CA HIS A 228 -27.55 -16.35 3.29
C HIS A 228 -26.29 -16.94 3.92
N TYR A 229 -25.72 -16.21 4.85
CA TYR A 229 -24.47 -16.60 5.46
C TYR A 229 -24.58 -18.01 5.97
N PHE A 230 -25.58 -18.24 6.83
CA PHE A 230 -25.78 -19.56 7.42
C PHE A 230 -26.15 -20.56 6.36
N LEU A 231 -27.15 -20.20 5.55
CA LEU A 231 -27.65 -21.09 4.52
C LEU A 231 -26.61 -21.53 3.50
N ASN A 232 -25.73 -20.63 3.07
CA ASN A 232 -24.67 -21.07 2.19
C ASN A 232 -23.69 -22.01 2.92
N LEU A 233 -23.46 -21.74 4.21
CA LEU A 233 -22.60 -22.62 4.96
C LEU A 233 -23.14 -24.03 4.92
N GLN A 234 -24.46 -24.12 5.08
CA GLN A 234 -25.21 -25.36 5.02
C GLN A 234 -24.96 -26.16 3.75
N LYS A 235 -25.09 -25.48 2.62
CA LYS A 235 -24.79 -26.09 1.34
C LYS A 235 -23.46 -26.84 1.47
N LEU A 236 -22.50 -26.16 2.10
CA LEU A 236 -21.14 -26.66 2.24
C LEU A 236 -21.07 -27.93 3.07
N ILE A 237 -21.48 -27.84 4.32
CA ILE A 237 -21.54 -29.02 5.15
C ILE A 237 -22.15 -30.19 4.37
N LYS A 238 -23.25 -29.92 3.67
CA LYS A 238 -23.97 -30.96 2.93
C LYS A 238 -23.06 -31.51 1.85
N TYR A 239 -22.49 -30.63 1.04
CA TYR A 239 -21.64 -31.04 -0.07
C TYR A 239 -20.61 -32.08 0.34
N ILE A 240 -19.97 -31.84 1.48
CA ILE A 240 -19.00 -32.77 2.03
C ILE A 240 -19.70 -34.07 2.39
N ALA A 241 -20.67 -33.97 3.30
CA ALA A 241 -21.36 -35.15 3.80
C ALA A 241 -21.85 -36.05 2.67
N ASP A 242 -22.42 -35.41 1.63
CA ASP A 242 -22.94 -36.13 0.49
C ASP A 242 -21.84 -36.90 -0.21
N ARG A 243 -20.76 -36.20 -0.55
CA ARG A 243 -19.66 -36.84 -1.30
C ARG A 243 -18.74 -37.63 -0.39
N GLN A 244 -19.10 -37.68 0.88
CA GLN A 244 -18.34 -38.45 1.87
C GLN A 244 -16.89 -38.01 1.89
N LEU A 245 -16.67 -36.74 1.58
CA LEU A 245 -15.32 -36.18 1.55
C LEU A 245 -14.78 -36.10 2.96
N THR A 246 -13.50 -35.73 3.07
CA THR A 246 -12.89 -35.64 4.39
C THR A 246 -12.08 -34.37 4.64
N VAL A 247 -12.56 -33.57 5.59
CA VAL A 247 -11.98 -32.27 5.89
C VAL A 247 -10.70 -32.41 6.72
N VAL A 248 -9.75 -31.52 6.43
CA VAL A 248 -8.48 -31.58 7.14
C VAL A 248 -8.09 -30.21 7.72
N SER A 249 -8.97 -29.24 7.61
CA SER A 249 -8.76 -27.93 8.21
C SER A 249 -10.00 -27.39 8.94
N ASP A 250 -9.89 -26.16 9.42
CA ASP A 250 -11.08 -25.42 9.72
C ASP A 250 -11.68 -24.97 8.43
N VAL A 251 -12.88 -24.43 8.53
CA VAL A 251 -13.43 -23.59 7.49
C VAL A 251 -12.76 -22.25 7.62
N TYR A 252 -12.29 -21.75 6.49
CA TYR A 252 -11.74 -20.42 6.43
C TYR A 252 -12.81 -19.56 5.84
N GLU A 253 -13.10 -18.45 6.50
CA GLU A 253 -14.07 -17.47 6.00
C GLU A 253 -13.41 -16.13 5.66
N LEU A 254 -13.75 -15.55 4.51
CA LEU A 254 -13.12 -14.32 4.06
C LEU A 254 -14.09 -13.25 3.59
N ILE A 255 -14.21 -12.17 4.35
CA ILE A 255 -15.07 -11.06 3.98
C ILE A 255 -14.31 -10.05 3.13
N ILE A 256 -14.85 -9.68 1.98
CA ILE A 256 -14.24 -8.64 1.15
C ILE A 256 -15.24 -7.56 0.75
N PRO A 257 -14.87 -6.29 0.90
CA PRO A 257 -15.75 -5.26 0.36
C PRO A 257 -15.84 -5.30 -1.15
N ILE A 258 -16.92 -4.79 -1.73
CA ILE A 258 -17.07 -4.77 -3.18
C ILE A 258 -16.93 -3.34 -3.70
N HIS A 259 -17.26 -2.39 -2.84
CA HIS A 259 -17.00 -0.99 -3.12
C HIS A 259 -16.73 -0.29 -1.79
N TYR A 260 -15.98 0.81 -1.84
CA TYR A 260 -15.68 1.53 -0.63
C TYR A 260 -16.43 2.85 -0.60
N SER A 261 -17.24 3.07 -1.63
CA SER A 261 -18.09 4.26 -1.67
C SER A 261 -18.89 4.39 -0.39
N PRO A 262 -18.78 5.54 0.28
CA PRO A 262 -19.58 5.74 1.47
C PRO A 262 -21.01 6.12 1.11
N LYS A 263 -21.34 6.01 -0.18
CA LYS A 263 -22.64 6.46 -0.68
C LYS A 263 -23.57 5.33 -1.07
N LYS A 264 -23.06 4.35 -1.81
CA LYS A 264 -23.79 3.11 -2.09
C LYS A 264 -23.92 2.26 -0.83
N GLN A 265 -24.92 1.40 -0.81
CA GLN A 265 -25.20 0.65 0.41
C GLN A 265 -24.17 -0.43 0.56
N GLU A 266 -23.74 -0.68 1.79
CA GLU A 266 -22.56 -1.52 1.99
C GLU A 266 -22.76 -2.93 1.44
N GLU A 267 -21.77 -3.44 0.74
CA GLU A 267 -21.89 -4.74 0.10
C GLU A 267 -20.58 -5.55 0.20
N TYR A 268 -20.67 -6.76 0.72
CA TYR A 268 -19.49 -7.54 1.06
C TYR A 268 -19.57 -8.87 0.33
N ARG A 269 -18.45 -9.41 -0.12
CA ARG A 269 -18.44 -10.77 -0.66
C ARG A 269 -17.75 -11.76 0.24
N VAL A 270 -18.50 -12.75 0.71
CA VAL A 270 -17.92 -13.80 1.52
C VAL A 270 -17.34 -14.91 0.64
N GLU A 271 -16.35 -15.59 1.17
CA GLU A 271 -15.87 -16.84 0.62
C GLU A 271 -15.68 -17.73 1.83
N MET A 272 -16.17 -18.96 1.77
CA MET A 272 -15.84 -19.93 2.81
C MET A 272 -15.20 -21.16 2.20
N LYS A 273 -13.95 -21.42 2.58
CA LYS A 273 -13.16 -22.50 1.99
C LYS A 273 -12.95 -23.54 3.05
N ILE A 274 -12.61 -24.75 2.63
CA ILE A 274 -12.17 -25.80 3.55
C ILE A 274 -11.35 -26.87 2.84
N ARG A 275 -10.36 -27.38 3.54
CA ARG A 275 -9.43 -28.31 2.95
C ARG A 275 -9.91 -29.75 3.06
N ILE A 276 -9.69 -30.49 1.98
CA ILE A 276 -9.97 -31.90 1.94
C ILE A 276 -8.85 -32.53 1.13
N LEU A 277 -8.78 -33.86 1.14
CA LEU A 277 -7.72 -34.59 0.44
C LEU A 277 -7.85 -34.48 -1.07
#